data_2GGX
#
_entry.id   2GGX
#
_cell.length_a   55.431
_cell.length_b   106.400
_cell.length_c   55.080
_cell.angle_alpha   90.00
_cell.angle_beta   92.65
_cell.angle_gamma   90.00
#
_symmetry.space_group_name_H-M   'P 1 21 1'
#
loop_
_entity.id
_entity.type
_entity.pdbx_description
1 polymer 'Pulmonary surfactant-associated protein D'
2 non-polymer 'CALCIUM ION'
3 non-polymer '4-NITROPHENYL 4-O-ALPHA-D-GLUCOPYRANOSYL-ALPHA-D-GALACTOPYRANOSIDE'
4 water water
#
_entity_poly.entity_id   1
_entity_poly.type   'polypeptide(L)'
_entity_poly.pdbx_seq_one_letter_code
;AMADIGSDVASLRQQVEALQGQVQHLQAAFSQYKKVELFPNGQSVGEKIFKTAGFVKPFTEAQLLCTQAGGQLASPRSAA
ENAALQQLVVAKNEAAFLSMTDSKTEGKFTYPTGESLVYSNWAPGEPNDDGGSEDCVEIFTNGKWNDRACGEKRLVVCEF
;
_entity_poly.pdbx_strand_id   A,B,C
#
# COMPACT_ATOMS: atom_id res chain seq x y z
N ALA A 10 -21.80 35.74 15.69
CA ALA A 10 -22.50 36.46 14.59
C ALA A 10 -22.29 35.72 13.26
N SER A 11 -21.56 36.35 12.35
CA SER A 11 -21.28 35.71 11.06
C SER A 11 -20.10 34.77 11.25
N LEU A 12 -20.32 33.74 12.05
CA LEU A 12 -19.31 32.73 12.33
C LEU A 12 -19.95 31.46 11.77
N ARG A 13 -21.24 31.59 11.49
CA ARG A 13 -22.06 30.53 10.93
C ARG A 13 -21.50 30.04 9.60
N GLN A 14 -21.07 30.96 8.75
CA GLN A 14 -20.53 30.60 7.45
C GLN A 14 -19.16 29.97 7.57
N GLN A 15 -18.46 30.25 8.67
CA GLN A 15 -17.14 29.69 8.89
C GLN A 15 -17.22 28.26 9.41
N VAL A 16 -18.02 28.05 10.46
CA VAL A 16 -18.19 26.73 11.03
C VAL A 16 -18.89 25.86 9.99
N GLU A 17 -19.78 26.47 9.21
CA GLU A 17 -20.52 25.76 8.19
C GLU A 17 -19.57 25.41 7.06
N ALA A 18 -18.59 26.28 6.82
CA ALA A 18 -17.60 26.06 5.78
C ALA A 18 -16.70 24.89 6.18
N LEU A 19 -16.34 24.86 7.47
CA LEU A 19 -15.51 23.79 7.99
C LEU A 19 -16.22 22.45 7.89
N GLN A 20 -17.53 22.44 8.12
CA GLN A 20 -18.29 21.20 8.04
C GLN A 20 -18.02 20.57 6.67
N GLY A 21 -18.11 21.39 5.63
CA GLY A 21 -17.87 20.92 4.29
C GLY A 21 -16.46 20.38 4.11
N GLN A 22 -15.49 21.12 4.63
CA GLN A 22 -14.09 20.71 4.53
C GLN A 22 -13.85 19.37 5.22
N VAL A 23 -14.25 19.28 6.48
CA VAL A 23 -14.06 18.06 7.26
C VAL A 23 -14.79 16.87 6.65
N GLN A 24 -15.99 17.09 6.14
CA GLN A 24 -16.75 16.01 5.54
C GLN A 24 -16.17 15.61 4.18
N HIS A 25 -15.61 16.57 3.45
CA HIS A 25 -15.00 16.26 2.18
C HIS A 25 -13.74 15.46 2.48
N LEU A 26 -13.06 15.84 3.56
CA LEU A 26 -11.84 15.16 3.99
C LEU A 26 -12.19 13.74 4.46
N GLN A 27 -13.31 13.59 5.15
CA GLN A 27 -13.75 12.28 5.62
C GLN A 27 -14.08 11.36 4.44
N ALA A 28 -14.66 11.91 3.39
CA ALA A 28 -15.00 11.11 2.21
C ALA A 28 -13.73 10.65 1.50
N ALA A 29 -12.79 11.57 1.32
CA ALA A 29 -11.55 11.22 0.64
C ALA A 29 -10.77 10.19 1.48
N PHE A 30 -10.71 10.42 2.79
CA PHE A 30 -10.00 9.50 3.67
C PHE A 30 -10.64 8.11 3.60
N SER A 31 -11.97 8.07 3.62
CA SER A 31 -12.69 6.80 3.57
C SER A 31 -12.31 6.00 2.31
N GLN A 32 -12.26 6.69 1.18
CA GLN A 32 -11.90 6.05 -0.09
C GLN A 32 -10.45 5.57 -0.08
N TYR A 33 -9.53 6.43 0.34
CA TYR A 33 -8.12 6.02 0.36
C TYR A 33 -7.85 4.89 1.33
N LYS A 34 -8.69 4.78 2.35
CA LYS A 34 -8.52 3.73 3.34
C LYS A 34 -8.85 2.38 2.72
N LYS A 35 -9.93 2.32 1.93
CA LYS A 35 -10.30 1.07 1.27
C LYS A 35 -9.21 0.68 0.29
N VAL A 36 -8.66 1.67 -0.40
CA VAL A 36 -7.59 1.43 -1.36
C VAL A 36 -6.37 0.88 -0.64
N GLU A 37 -6.07 1.48 0.50
CA GLU A 37 -4.92 1.09 1.30
C GLU A 37 -4.94 -0.38 1.72
N LEU A 38 -6.12 -0.88 2.07
CA LEU A 38 -6.26 -2.25 2.54
C LEU A 38 -6.30 -3.32 1.47
N PHE A 39 -6.47 -2.91 0.21
CA PHE A 39 -6.50 -3.89 -0.86
C PHE A 39 -5.11 -4.02 -1.49
N PRO A 40 -4.55 -5.23 -1.52
CA PRO A 40 -5.13 -6.49 -1.03
C PRO A 40 -4.41 -7.05 0.20
N ASN A 41 -3.52 -6.25 0.79
CA ASN A 41 -2.74 -6.77 1.92
C ASN A 41 -3.20 -6.42 3.31
N GLY A 42 -4.40 -5.86 3.45
CA GLY A 42 -4.88 -5.52 4.78
C GLY A 42 -6.30 -6.00 5.05
N GLN A 43 -6.68 -5.97 6.31
CA GLN A 43 -8.03 -6.38 6.72
C GLN A 43 -8.43 -5.54 7.91
N SER A 44 -9.61 -4.96 7.85
CA SER A 44 -10.13 -4.14 8.93
C SER A 44 -11.16 -4.93 9.73
N VAL A 45 -11.09 -4.84 11.05
CA VAL A 45 -12.04 -5.52 11.91
C VAL A 45 -12.17 -4.68 13.17
N GLY A 46 -13.36 -4.16 13.41
CA GLY A 46 -13.55 -3.30 14.55
C GLY A 46 -12.69 -2.06 14.35
N GLU A 47 -11.95 -1.69 15.38
CA GLU A 47 -11.06 -0.52 15.33
C GLU A 47 -9.64 -0.96 14.99
N LYS A 48 -9.46 -2.25 14.76
CA LYS A 48 -8.14 -2.79 14.46
C LYS A 48 -7.90 -3.03 12.99
N ILE A 49 -6.64 -2.95 12.58
CA ILE A 49 -6.27 -3.18 11.20
C ILE A 49 -5.08 -4.12 11.15
N PHE A 50 -5.18 -5.15 10.31
CA PHE A 50 -4.10 -6.11 10.11
C PHE A 50 -3.51 -5.77 8.75
N LYS A 51 -2.20 -5.90 8.61
CA LYS A 51 -1.57 -5.68 7.33
C LYS A 51 -0.37 -6.58 7.23
N THR A 52 -0.27 -7.32 6.14
CA THR A 52 0.85 -8.23 5.95
C THR A 52 1.96 -7.58 5.14
N ALA A 53 3.18 -7.98 5.43
CA ALA A 53 4.35 -7.47 4.73
C ALA A 53 4.51 -8.21 3.41
N GLY A 54 3.81 -9.34 3.29
CA GLY A 54 3.88 -10.12 2.07
C GLY A 54 5.07 -11.06 1.99
N PHE A 55 5.88 -11.11 3.04
CA PHE A 55 7.05 -11.99 3.06
C PHE A 55 7.20 -12.65 4.43
N VAL A 56 8.09 -13.63 4.52
CA VAL A 56 8.29 -14.34 5.79
C VAL A 56 9.59 -13.98 6.50
N LYS A 57 9.55 -14.06 7.83
CA LYS A 57 10.71 -13.75 8.67
C LYS A 57 10.62 -14.55 9.98
N PRO A 58 11.75 -14.73 10.69
CA PRO A 58 11.73 -15.46 11.95
C PRO A 58 10.99 -14.56 12.95
N PHE A 59 10.54 -15.11 14.08
CA PHE A 59 9.78 -14.32 15.05
C PHE A 59 10.42 -13.02 15.52
N THR A 60 11.67 -13.08 15.98
CA THR A 60 12.35 -11.90 16.46
C THR A 60 12.41 -10.79 15.42
N GLU A 61 12.68 -11.14 14.17
CA GLU A 61 12.75 -10.17 13.10
C GLU A 61 11.37 -9.61 12.76
N ALA A 62 10.36 -10.48 12.79
CA ALA A 62 8.99 -10.08 12.50
C ALA A 62 8.46 -9.16 13.59
N GLN A 63 8.77 -9.48 14.84
CA GLN A 63 8.34 -8.68 15.97
C GLN A 63 8.96 -7.29 15.93
N LEU A 64 10.23 -7.22 15.55
CA LEU A 64 10.94 -5.95 15.48
C LEU A 64 10.36 -5.06 14.37
N LEU A 65 10.00 -5.68 13.25
CA LEU A 65 9.43 -4.95 12.13
C LEU A 65 8.12 -4.29 12.55
N CYS A 66 7.28 -5.06 13.24
CA CYS A 66 6.00 -4.51 13.67
C CYS A 66 6.15 -3.40 14.70
N THR A 67 7.00 -3.62 15.71
CA THR A 67 7.20 -2.61 16.74
C THR A 67 7.81 -1.33 16.15
N GLN A 68 8.80 -1.47 15.27
CA GLN A 68 9.42 -0.30 14.65
C GLN A 68 8.46 0.45 13.74
N ALA A 69 7.36 -0.21 13.38
CA ALA A 69 6.37 0.41 12.50
C ALA A 69 5.26 1.07 13.31
N GLY A 70 5.37 1.02 14.63
CA GLY A 70 4.36 1.62 15.49
C GLY A 70 3.21 0.71 15.87
N GLY A 71 3.33 -0.58 15.57
CA GLY A 71 2.28 -1.53 15.91
C GLY A 71 2.86 -2.74 16.62
N GLN A 72 2.29 -3.92 16.37
CA GLN A 72 2.79 -5.16 16.96
C GLN A 72 2.35 -6.34 16.12
N LEU A 73 2.88 -7.52 16.39
CA LEU A 73 2.48 -8.68 15.61
C LEU A 73 0.98 -8.91 15.80
N ALA A 74 0.35 -9.54 14.81
CA ALA A 74 -1.08 -9.82 14.86
C ALA A 74 -1.44 -10.48 16.19
N SER A 75 -2.48 -9.96 16.84
CA SER A 75 -2.92 -10.48 18.12
C SER A 75 -4.44 -10.61 18.15
N PRO A 76 -4.99 -11.61 17.46
CA PRO A 76 -6.44 -11.82 17.44
C PRO A 76 -7.01 -12.06 18.82
N ARG A 77 -7.90 -11.16 19.25
CA ARG A 77 -8.51 -11.27 20.56
C ARG A 77 -9.96 -11.72 20.55
N SER A 78 -10.43 -12.18 19.40
CA SER A 78 -11.81 -12.65 19.26
C SER A 78 -11.93 -13.47 17.99
N ALA A 79 -13.05 -14.19 17.86
CA ALA A 79 -13.31 -15.00 16.68
C ALA A 79 -13.36 -14.10 15.45
N ALA A 80 -13.95 -12.92 15.60
CA ALA A 80 -14.06 -11.98 14.48
C ALA A 80 -12.66 -11.57 14.01
N GLU A 81 -11.80 -11.18 14.95
CA GLU A 81 -10.44 -10.77 14.58
C GLU A 81 -9.67 -11.93 13.97
N ASN A 82 -9.87 -13.13 14.50
CA ASN A 82 -9.14 -14.29 13.97
C ASN A 82 -9.59 -14.57 12.54
N ALA A 83 -10.89 -14.45 12.28
CA ALA A 83 -11.43 -14.68 10.94
C ALA A 83 -10.85 -13.67 9.96
N ALA A 84 -10.75 -12.42 10.40
CA ALA A 84 -10.19 -11.36 9.57
C ALA A 84 -8.73 -11.67 9.25
N LEU A 85 -7.97 -12.07 10.28
CA LEU A 85 -6.56 -12.40 10.08
C LEU A 85 -6.42 -13.60 9.14
N GLN A 86 -7.35 -14.54 9.26
CA GLN A 86 -7.31 -15.74 8.43
C GLN A 86 -7.38 -15.41 6.93
N GLN A 87 -8.20 -14.41 6.58
CA GLN A 87 -8.32 -14.01 5.19
C GLN A 87 -6.97 -13.70 4.57
N LEU A 88 -6.14 -12.94 5.29
CA LEU A 88 -4.81 -12.58 4.80
C LEU A 88 -3.91 -13.79 4.66
N VAL A 89 -4.02 -14.71 5.62
CA VAL A 89 -3.21 -15.92 5.60
C VAL A 89 -3.62 -16.77 4.40
N VAL A 90 -4.92 -16.93 4.20
CA VAL A 90 -5.43 -17.72 3.07
C VAL A 90 -5.00 -17.09 1.74
N ALA A 91 -5.11 -15.76 1.66
CA ALA A 91 -4.75 -15.04 0.44
C ALA A 91 -3.31 -15.26 0.03
N LYS A 92 -2.39 -15.17 0.99
CA LYS A 92 -0.97 -15.37 0.72
C LYS A 92 -0.61 -16.85 0.78
N ASN A 93 -1.53 -17.67 1.29
CA ASN A 93 -1.32 -19.10 1.43
C ASN A 93 -0.02 -19.38 2.18
N GLU A 94 0.15 -18.68 3.30
CA GLU A 94 1.33 -18.82 4.15
C GLU A 94 0.95 -18.59 5.60
N ALA A 95 1.29 -19.54 6.47
CA ALA A 95 0.98 -19.41 7.89
C ALA A 95 1.73 -18.20 8.44
N ALA A 96 1.10 -17.49 9.37
CA ALA A 96 1.71 -16.30 9.95
C ALA A 96 1.94 -16.41 11.46
N PHE A 97 2.93 -15.69 11.95
CA PHE A 97 3.25 -15.65 13.39
C PHE A 97 2.25 -14.72 14.08
N LEU A 98 1.93 -15.04 15.34
CA LEU A 98 1.07 -14.18 16.14
C LEU A 98 2.06 -13.52 17.10
N SER A 99 1.60 -12.60 17.93
CA SER A 99 2.52 -11.93 18.85
C SER A 99 2.78 -12.68 20.15
N MET A 100 1.89 -13.61 20.49
CA MET A 100 1.98 -14.33 21.75
C MET A 100 3.02 -15.43 21.88
N THR A 101 3.65 -15.48 23.06
CA THR A 101 4.68 -16.48 23.34
C THR A 101 4.54 -17.00 24.77
N ASP A 102 5.19 -18.12 25.05
CA ASP A 102 5.18 -18.68 26.40
C ASP A 102 6.64 -18.83 26.82
N SER A 103 7.46 -17.87 26.38
CA SER A 103 8.89 -17.86 26.69
C SER A 103 9.13 -17.64 28.17
N LYS A 104 8.31 -16.79 28.77
CA LYS A 104 8.42 -16.46 30.19
C LYS A 104 8.17 -17.72 31.03
N THR A 105 6.96 -18.25 30.92
CA THR A 105 6.57 -19.45 31.66
C THR A 105 6.00 -20.47 30.68
N GLU A 106 6.73 -21.55 30.46
CA GLU A 106 6.31 -22.61 29.54
C GLU A 106 4.86 -23.03 29.78
N GLY A 107 4.12 -23.17 28.68
CA GLY A 107 2.72 -23.55 28.75
C GLY A 107 1.75 -22.39 28.95
N LYS A 108 2.27 -21.23 29.30
CA LYS A 108 1.43 -20.06 29.54
C LYS A 108 1.71 -18.96 28.50
N PHE A 109 0.86 -18.89 27.48
CA PHE A 109 1.05 -17.89 26.44
C PHE A 109 0.51 -16.52 26.83
N THR A 110 1.29 -15.48 26.52
CA THR A 110 0.92 -14.12 26.86
C THR A 110 1.18 -13.15 25.71
N TYR A 111 0.48 -12.02 25.75
CA TYR A 111 0.66 -10.97 24.76
C TYR A 111 1.95 -10.27 25.18
N PRO A 112 2.51 -9.42 24.30
CA PRO A 112 3.76 -8.71 24.63
C PRO A 112 3.76 -8.04 26.00
N THR A 113 2.59 -7.54 26.42
CA THR A 113 2.46 -6.87 27.71
C THR A 113 2.61 -7.81 28.90
N GLY A 114 2.28 -9.08 28.70
CA GLY A 114 2.39 -10.05 29.78
C GLY A 114 1.02 -10.54 30.18
N GLU A 115 -0.02 -9.92 29.61
CA GLU A 115 -1.39 -10.31 29.90
C GLU A 115 -1.72 -11.68 29.31
N SER A 116 -2.44 -12.50 30.08
CA SER A 116 -2.82 -13.83 29.63
C SER A 116 -3.80 -13.74 28.46
N LEU A 117 -3.89 -14.79 27.66
CA LEU A 117 -4.79 -14.80 26.51
C LEU A 117 -6.25 -14.67 26.93
N VAL A 118 -7.03 -13.93 26.15
CA VAL A 118 -8.46 -13.75 26.43
C VAL A 118 -9.23 -14.45 25.32
N TYR A 119 -8.47 -15.05 24.39
CA TYR A 119 -9.01 -15.77 23.26
C TYR A 119 -7.93 -16.69 22.70
N SER A 120 -8.34 -17.82 22.15
CA SER A 120 -7.40 -18.77 21.55
C SER A 120 -8.16 -19.67 20.58
N ASN A 121 -7.45 -20.20 19.58
CA ASN A 121 -8.07 -21.07 18.60
C ASN A 121 -7.11 -22.21 18.24
N TRP A 122 -6.56 -22.84 19.28
CA TRP A 122 -5.61 -23.93 19.09
C TRP A 122 -6.19 -25.07 18.30
N ALA A 123 -5.38 -25.65 17.41
CA ALA A 123 -5.81 -26.80 16.64
C ALA A 123 -5.78 -27.96 17.63
N PRO A 124 -6.51 -29.05 17.34
CA PRO A 124 -6.53 -30.20 18.25
C PRO A 124 -5.12 -30.68 18.63
N GLY A 125 -4.89 -30.87 19.92
CA GLY A 125 -3.60 -31.33 20.38
C GLY A 125 -2.58 -30.24 20.68
N GLU A 126 -2.89 -29.00 20.30
CA GLU A 126 -1.98 -27.87 20.52
C GLU A 126 -2.45 -27.01 21.70
N PRO A 127 -1.53 -26.30 22.36
CA PRO A 127 -0.09 -26.25 22.09
C PRO A 127 0.59 -27.45 22.73
N ASN A 128 1.55 -28.06 22.03
CA ASN A 128 2.24 -29.26 22.55
C ASN A 128 3.74 -29.09 22.85
N ASP A 129 4.29 -27.91 22.56
CA ASP A 129 5.69 -27.64 22.79
C ASP A 129 6.53 -28.77 22.19
N ASP A 130 6.30 -29.02 20.90
CA ASP A 130 7.01 -30.08 20.20
C ASP A 130 8.53 -29.89 20.26
N GLY A 131 9.24 -31.00 20.43
CA GLY A 131 10.69 -30.94 20.51
C GLY A 131 11.13 -30.30 21.81
N GLY A 132 10.17 -29.87 22.61
CA GLY A 132 10.50 -29.24 23.88
C GLY A 132 10.92 -27.80 23.68
N SER A 133 10.60 -27.24 22.51
CA SER A 133 10.96 -25.86 22.22
C SER A 133 10.10 -25.15 21.17
N GLU A 134 8.84 -24.94 21.50
CA GLU A 134 7.93 -24.21 20.61
C GLU A 134 7.29 -23.14 21.50
N ASP A 135 7.82 -21.93 21.42
CA ASP A 135 7.33 -20.85 22.26
C ASP A 135 6.62 -19.73 21.53
N CYS A 136 6.51 -19.87 20.21
CA CYS A 136 5.81 -18.87 19.41
C CYS A 136 4.54 -19.51 18.86
N VAL A 137 3.69 -18.73 18.23
CA VAL A 137 2.42 -19.24 17.71
C VAL A 137 2.18 -18.86 16.26
N GLU A 138 1.75 -19.83 15.47
CA GLU A 138 1.44 -19.61 14.05
C GLU A 138 -0.05 -19.86 13.82
N ILE A 139 -0.62 -19.17 12.85
CA ILE A 139 -2.02 -19.35 12.50
C ILE A 139 -2.04 -19.95 11.10
N PHE A 140 -2.68 -21.11 10.97
CA PHE A 140 -2.76 -21.82 9.70
C PHE A 140 -3.78 -21.17 8.75
N THR A 141 -3.81 -21.63 7.50
CA THR A 141 -4.75 -21.08 6.54
C THR A 141 -6.17 -21.45 6.93
N ASN A 142 -6.32 -22.44 7.82
CA ASN A 142 -7.64 -22.84 8.27
C ASN A 142 -8.05 -22.02 9.49
N GLY A 143 -7.16 -21.13 9.93
CA GLY A 143 -7.48 -20.29 11.07
C GLY A 143 -7.09 -20.84 12.43
N LYS A 144 -6.72 -22.11 12.48
CA LYS A 144 -6.34 -22.73 13.74
C LYS A 144 -4.90 -22.35 14.12
N TRP A 145 -4.62 -22.36 15.42
CA TRP A 145 -3.29 -22.01 15.90
C TRP A 145 -2.45 -23.23 16.22
N ASN A 146 -1.13 -23.04 16.17
CA ASN A 146 -0.18 -24.09 16.49
C ASN A 146 1.07 -23.44 17.05
N ASP A 147 1.56 -23.94 18.18
CA ASP A 147 2.78 -23.35 18.72
C ASP A 147 3.90 -23.92 17.86
N ARG A 148 4.89 -23.09 17.55
CA ARG A 148 6.00 -23.48 16.72
C ARG A 148 7.29 -22.78 17.12
N ALA A 149 8.42 -23.36 16.72
CA ALA A 149 9.73 -22.80 17.04
C ALA A 149 9.82 -21.37 16.52
N CYS A 150 10.20 -20.46 17.40
CA CYS A 150 10.34 -19.05 17.06
C CYS A 150 11.38 -18.77 15.98
N GLY A 151 12.33 -19.70 15.82
CA GLY A 151 13.37 -19.53 14.82
C GLY A 151 12.91 -19.81 13.40
N GLU A 152 11.72 -20.37 13.24
CA GLU A 152 11.20 -20.69 11.92
C GLU A 152 10.70 -19.40 11.25
N LYS A 153 10.60 -19.41 9.93
CA LYS A 153 10.13 -18.24 9.19
C LYS A 153 8.66 -18.35 8.82
N ARG A 154 7.87 -17.35 9.21
CA ARG A 154 6.45 -17.34 8.89
C ARG A 154 6.03 -15.96 8.38
N LEU A 155 4.85 -15.90 7.76
CA LEU A 155 4.35 -14.63 7.21
C LEU A 155 4.33 -13.54 8.27
N VAL A 156 4.73 -12.34 7.88
CA VAL A 156 4.73 -11.21 8.81
C VAL A 156 3.45 -10.40 8.63
N VAL A 157 2.66 -10.34 9.69
CA VAL A 157 1.40 -9.59 9.69
C VAL A 157 1.41 -8.78 10.98
N CYS A 158 1.31 -7.45 10.85
CA CYS A 158 1.27 -6.59 12.02
C CYS A 158 -0.14 -6.06 12.19
N GLU A 159 -0.44 -5.60 13.39
CA GLU A 159 -1.75 -5.01 13.66
C GLU A 159 -1.53 -3.57 14.12
N PHE A 160 -2.43 -2.69 13.73
CA PHE A 160 -2.35 -1.28 14.09
C PHE A 160 -3.68 -0.78 14.64
N ALA B 10 -17.54 34.29 22.77
CA ALA B 10 -16.23 34.61 22.11
C ALA B 10 -15.33 33.38 22.10
N SER B 11 -15.49 32.50 23.07
CA SER B 11 -14.68 31.29 23.14
C SER B 11 -14.98 30.43 21.92
N LEU B 12 -16.20 30.54 21.42
CA LEU B 12 -16.62 29.78 20.24
C LEU B 12 -15.82 30.18 19.00
N ARG B 13 -15.56 31.47 18.85
CA ARG B 13 -14.81 31.94 17.69
C ARG B 13 -13.41 31.35 17.77
N GLN B 14 -12.84 31.34 18.96
CA GLN B 14 -11.51 30.79 19.16
C GLN B 14 -11.59 29.28 19.00
N GLN B 15 -12.77 28.74 19.30
CA GLN B 15 -12.99 27.31 19.19
C GLN B 15 -12.92 26.93 17.71
N VAL B 16 -13.43 27.82 16.86
CA VAL B 16 -13.42 27.59 15.41
C VAL B 16 -12.01 27.78 14.88
N GLU B 17 -11.28 28.71 15.49
CA GLU B 17 -9.90 28.99 15.09
C GLU B 17 -9.02 27.77 15.32
N ALA B 18 -9.30 27.03 16.39
CA ALA B 18 -8.54 25.84 16.72
C ALA B 18 -8.75 24.75 15.68
N LEU B 19 -10.02 24.49 15.36
CA LEU B 19 -10.38 23.48 14.38
C LEU B 19 -9.74 23.77 13.02
N GLN B 20 -9.84 25.00 12.57
CA GLN B 20 -9.27 25.39 11.29
C GLN B 20 -7.81 24.94 11.17
N GLY B 21 -7.04 25.13 12.24
CA GLY B 21 -5.64 24.73 12.23
C GLY B 21 -5.48 23.23 12.22
N GLN B 22 -6.36 22.53 12.92
CA GLN B 22 -6.29 21.07 12.97
C GLN B 22 -6.70 20.49 11.62
N VAL B 23 -7.66 21.14 10.96
CA VAL B 23 -8.13 20.70 9.65
C VAL B 23 -7.06 20.95 8.58
N GLN B 24 -6.41 22.11 8.66
CA GLN B 24 -5.37 22.44 7.68
C GLN B 24 -4.24 21.43 7.76
N HIS B 25 -3.88 21.03 8.97
CA HIS B 25 -2.81 20.05 9.16
C HIS B 25 -3.19 18.70 8.55
N LEU B 26 -4.42 18.26 8.79
CA LEU B 26 -4.88 16.99 8.25
C LEU B 26 -4.89 17.05 6.72
N GLN B 27 -5.40 18.14 6.18
CA GLN B 27 -5.46 18.30 4.74
C GLN B 27 -4.05 18.24 4.14
N ALA B 28 -3.12 18.97 4.72
CA ALA B 28 -1.75 18.98 4.22
C ALA B 28 -1.09 17.60 4.32
N ALA B 29 -1.15 17.02 5.51
CA ALA B 29 -0.55 15.70 5.73
C ALA B 29 -1.14 14.63 4.82
N PHE B 30 -2.46 14.62 4.71
CA PHE B 30 -3.14 13.63 3.88
C PHE B 30 -2.81 13.79 2.39
N SER B 31 -2.72 15.03 1.91
CA SER B 31 -2.41 15.24 0.50
C SER B 31 -1.09 14.56 0.14
N GLN B 32 -0.13 14.59 1.06
CA GLN B 32 1.16 13.96 0.81
C GLN B 32 0.98 12.44 0.82
N TYR B 33 0.24 11.93 1.79
CA TYR B 33 0.03 10.49 1.86
C TYR B 33 -0.74 9.90 0.69
N LYS B 34 -1.60 10.69 0.05
CA LYS B 34 -2.36 10.22 -1.10
C LYS B 34 -1.38 9.78 -2.18
N LYS B 35 -0.38 10.60 -2.43
CA LYS B 35 0.62 10.31 -3.44
C LYS B 35 1.45 9.08 -3.05
N VAL B 36 1.88 9.04 -1.80
CA VAL B 36 2.67 7.92 -1.30
C VAL B 36 1.90 6.61 -1.45
N GLU B 37 0.64 6.64 -1.06
CA GLU B 37 -0.20 5.45 -1.11
C GLU B 37 -0.41 4.87 -2.51
N LEU B 38 -0.66 5.74 -3.49
CA LEU B 38 -0.91 5.24 -4.84
C LEU B 38 0.34 4.76 -5.58
N PHE B 39 1.51 5.06 -5.03
CA PHE B 39 2.74 4.59 -5.66
C PHE B 39 3.06 3.20 -5.11
N PRO B 40 3.23 2.20 -5.99
CA PRO B 40 3.18 2.23 -7.46
C PRO B 40 2.00 1.48 -8.06
N ASN B 41 1.10 0.98 -7.21
CA ASN B 41 -0.02 0.18 -7.70
C ASN B 41 -1.38 0.86 -7.81
N GLY B 42 -1.44 2.18 -7.68
CA GLY B 42 -2.70 2.88 -7.79
C GLY B 42 -2.68 3.98 -8.83
N GLN B 43 -3.86 4.39 -9.27
CA GLN B 43 -3.99 5.46 -10.25
C GLN B 43 -5.29 6.17 -9.94
N SER B 44 -5.18 7.47 -9.73
CA SER B 44 -6.32 8.30 -9.42
C SER B 44 -6.79 9.00 -10.70
N VAL B 45 -8.09 9.00 -10.93
CA VAL B 45 -8.64 9.64 -12.12
C VAL B 45 -10.02 10.17 -11.76
N GLY B 46 -10.16 11.50 -11.77
CA GLY B 46 -11.43 12.08 -11.40
C GLY B 46 -11.62 11.74 -9.93
N GLU B 47 -12.79 11.20 -9.59
CA GLU B 47 -13.05 10.82 -8.22
C GLU B 47 -12.94 9.31 -8.02
N LYS B 48 -12.36 8.62 -9.01
CA LYS B 48 -12.19 7.17 -8.95
C LYS B 48 -10.73 6.79 -8.75
N ILE B 49 -10.49 5.65 -8.12
CA ILE B 49 -9.13 5.18 -7.90
C ILE B 49 -9.07 3.71 -8.26
N PHE B 50 -8.09 3.37 -9.11
CA PHE B 50 -7.86 1.98 -9.52
C PHE B 50 -6.69 1.52 -8.66
N LYS B 51 -6.73 0.27 -8.22
CA LYS B 51 -5.68 -0.28 -7.39
C LYS B 51 -5.50 -1.73 -7.81
N THR B 52 -4.30 -2.08 -8.25
CA THR B 52 -4.04 -3.46 -8.66
C THR B 52 -3.48 -4.29 -7.52
N ALA B 53 -3.84 -5.57 -7.50
CA ALA B 53 -3.35 -6.48 -6.47
C ALA B 53 -1.95 -6.95 -6.86
N GLY B 54 -1.59 -6.78 -8.12
CA GLY B 54 -0.28 -7.20 -8.56
C GLY B 54 -0.18 -8.67 -8.95
N PHE B 55 -1.29 -9.40 -8.87
CA PHE B 55 -1.31 -10.82 -9.24
C PHE B 55 -2.53 -11.15 -10.10
N VAL B 56 -2.53 -12.33 -10.72
CA VAL B 56 -3.63 -12.75 -11.59
C VAL B 56 -4.57 -13.75 -10.94
N LYS B 57 -5.85 -13.69 -11.33
CA LYS B 57 -6.88 -14.58 -10.83
C LYS B 57 -7.99 -14.73 -11.87
N PRO B 58 -8.74 -15.84 -11.82
CA PRO B 58 -9.83 -16.03 -12.78
C PRO B 58 -10.87 -14.96 -12.46
N PHE B 59 -11.77 -14.67 -13.38
CA PHE B 59 -12.79 -13.63 -13.16
C PHE B 59 -13.55 -13.74 -11.84
N THR B 60 -14.26 -14.86 -11.63
CA THR B 60 -15.05 -15.03 -10.42
C THR B 60 -14.27 -14.73 -9.14
N GLU B 61 -13.01 -15.16 -9.10
CA GLU B 61 -12.19 -14.92 -7.92
C GLU B 61 -11.79 -13.45 -7.79
N ALA B 62 -11.37 -12.86 -8.89
CA ALA B 62 -10.98 -11.45 -8.89
C ALA B 62 -12.17 -10.59 -8.51
N GLN B 63 -13.34 -10.95 -9.00
CA GLN B 63 -14.55 -10.21 -8.72
C GLN B 63 -14.85 -10.22 -7.22
N LEU B 64 -14.71 -11.40 -6.61
CA LEU B 64 -14.96 -11.55 -5.18
C LEU B 64 -13.98 -10.74 -4.34
N LEU B 65 -12.71 -10.72 -4.75
CA LEU B 65 -11.70 -9.98 -4.04
C LEU B 65 -12.04 -8.49 -3.98
N CYS B 66 -12.50 -7.94 -5.11
CA CYS B 66 -12.84 -6.53 -5.18
C CYS B 66 -14.07 -6.17 -4.35
N THR B 67 -15.13 -6.96 -4.49
CA THR B 67 -16.36 -6.68 -3.75
C THR B 67 -16.15 -6.80 -2.24
N GLN B 68 -15.34 -7.77 -1.83
CA GLN B 68 -15.07 -7.97 -0.41
C GLN B 68 -14.16 -6.89 0.15
N ALA B 69 -13.45 -6.20 -0.73
CA ALA B 69 -12.56 -5.12 -0.31
C ALA B 69 -13.35 -3.82 -0.29
N GLY B 70 -14.63 -3.89 -0.64
CA GLY B 70 -15.47 -2.71 -0.64
C GLY B 70 -15.53 -1.94 -1.95
N GLY B 71 -15.15 -2.59 -3.04
CA GLY B 71 -15.18 -1.94 -4.34
C GLY B 71 -15.70 -2.91 -5.39
N GLN B 72 -15.15 -2.83 -6.60
CA GLN B 72 -15.54 -3.72 -7.67
C GLN B 72 -14.44 -3.77 -8.72
N LEU B 73 -14.54 -4.71 -9.65
CA LEU B 73 -13.54 -4.83 -10.70
C LEU B 73 -13.50 -3.55 -11.51
N ALA B 74 -12.33 -3.24 -12.06
CA ALA B 74 -12.16 -2.03 -12.86
C ALA B 74 -13.27 -1.89 -13.90
N SER B 75 -13.93 -0.74 -13.87
CA SER B 75 -15.03 -0.45 -14.78
C SER B 75 -14.85 0.92 -15.43
N PRO B 76 -13.89 1.07 -16.35
CA PRO B 76 -13.67 2.36 -17.01
C PRO B 76 -14.93 2.86 -17.70
N ARG B 77 -15.34 4.09 -17.37
CA ARG B 77 -16.55 4.67 -17.95
C ARG B 77 -16.27 5.89 -18.82
N SER B 78 -15.02 6.11 -19.15
CA SER B 78 -14.63 7.24 -20.01
C SER B 78 -13.24 6.95 -20.55
N ALA B 79 -12.81 7.72 -21.56
CA ALA B 79 -11.49 7.53 -22.14
C ALA B 79 -10.40 7.79 -21.10
N ALA B 80 -10.64 8.80 -20.26
CA ALA B 80 -9.71 9.17 -19.20
C ALA B 80 -9.50 8.01 -18.25
N GLU B 81 -10.59 7.43 -17.76
CA GLU B 81 -10.51 6.31 -16.85
C GLU B 81 -9.80 5.12 -17.49
N ASN B 82 -10.11 4.87 -18.76
CA ASN B 82 -9.49 3.75 -19.44
C ASN B 82 -7.98 3.94 -19.56
N ALA B 83 -7.55 5.16 -19.87
CA ALA B 83 -6.12 5.44 -20.01
C ALA B 83 -5.42 5.33 -18.65
N ALA B 84 -6.11 5.73 -17.59
CA ALA B 84 -5.56 5.65 -16.25
C ALA B 84 -5.34 4.17 -15.93
N LEU B 85 -6.34 3.36 -16.22
CA LEU B 85 -6.27 1.92 -15.99
C LEU B 85 -5.15 1.32 -16.84
N GLN B 86 -5.03 1.81 -18.07
CA GLN B 86 -4.00 1.30 -18.97
C GLN B 86 -2.60 1.49 -18.38
N GLN B 87 -2.39 2.59 -17.67
CA GLN B 87 -1.08 2.85 -17.08
C GLN B 87 -0.66 1.71 -16.15
N LEU B 88 -1.61 1.19 -15.38
CA LEU B 88 -1.31 0.09 -14.45
C LEU B 88 -1.05 -1.21 -15.18
N VAL B 89 -1.88 -1.50 -16.17
CA VAL B 89 -1.73 -2.72 -16.96
C VAL B 89 -0.37 -2.71 -17.66
N VAL B 90 0.00 -1.55 -18.17
CA VAL B 90 1.29 -1.38 -18.84
C VAL B 90 2.43 -1.59 -17.85
N ALA B 91 2.35 -0.93 -16.70
CA ALA B 91 3.38 -1.06 -15.68
C ALA B 91 3.56 -2.50 -15.22
N LYS B 92 2.46 -3.23 -15.09
CA LYS B 92 2.54 -4.62 -14.66
C LYS B 92 2.75 -5.56 -15.84
N ASN B 93 2.56 -5.03 -17.05
CA ASN B 93 2.70 -5.80 -18.27
C ASN B 93 1.84 -7.07 -18.24
N GLU B 94 0.64 -6.94 -17.70
CA GLU B 94 -0.30 -8.06 -17.60
C GLU B 94 -1.71 -7.55 -17.87
N ALA B 95 -2.39 -8.14 -18.86
CA ALA B 95 -3.75 -7.76 -19.19
C ALA B 95 -4.60 -8.02 -17.97
N ALA B 96 -5.61 -7.18 -17.77
CA ALA B 96 -6.48 -7.28 -16.60
C ALA B 96 -7.94 -7.48 -16.97
N PHE B 97 -8.71 -8.02 -16.03
CA PHE B 97 -10.13 -8.21 -16.24
C PHE B 97 -10.88 -6.92 -15.92
N LEU B 98 -11.98 -6.68 -16.64
CA LEU B 98 -12.82 -5.53 -16.36
C LEU B 98 -13.99 -6.18 -15.63
N SER B 99 -14.94 -5.38 -15.14
CA SER B 99 -16.08 -5.93 -14.39
C SER B 99 -17.23 -6.42 -15.25
N MET B 100 -17.34 -5.88 -16.46
CA MET B 100 -18.45 -6.21 -17.35
C MET B 100 -18.45 -7.57 -18.03
N THR B 101 -19.65 -8.12 -18.26
CA THR B 101 -19.81 -9.41 -18.91
C THR B 101 -21.14 -9.48 -19.65
N ASP B 102 -21.28 -10.50 -20.51
CA ASP B 102 -22.53 -10.71 -21.24
C ASP B 102 -23.01 -12.12 -20.92
N SER B 103 -22.81 -12.53 -19.67
CA SER B 103 -23.20 -13.85 -19.19
C SER B 103 -24.71 -14.03 -19.11
N LYS B 104 -25.45 -12.94 -18.90
CA LYS B 104 -26.90 -13.04 -18.81
C LYS B 104 -27.52 -13.04 -20.20
N THR B 105 -27.09 -12.10 -21.02
CA THR B 105 -27.61 -12.00 -22.38
C THR B 105 -26.45 -11.86 -23.36
N GLU B 106 -26.10 -12.98 -23.99
CA GLU B 106 -25.02 -13.01 -24.96
C GLU B 106 -25.12 -11.83 -25.90
N GLY B 107 -24.01 -11.12 -26.10
CA GLY B 107 -24.01 -9.97 -26.99
C GLY B 107 -24.25 -8.66 -26.26
N LYS B 108 -24.87 -8.71 -25.09
CA LYS B 108 -25.14 -7.51 -24.31
C LYS B 108 -24.28 -7.44 -23.04
N PHE B 109 -23.23 -6.64 -23.10
CA PHE B 109 -22.36 -6.49 -21.93
C PHE B 109 -22.94 -5.47 -20.95
N THR B 110 -22.81 -5.77 -19.66
CA THR B 110 -23.33 -4.89 -18.62
C THR B 110 -22.40 -4.83 -17.41
N TYR B 111 -22.58 -3.78 -16.61
CA TYR B 111 -21.80 -3.62 -15.39
C TYR B 111 -22.43 -4.57 -14.39
N PRO B 112 -21.75 -4.82 -13.26
CA PRO B 112 -22.30 -5.73 -12.25
C PRO B 112 -23.71 -5.37 -11.80
N THR B 113 -24.11 -4.12 -12.06
CA THR B 113 -25.44 -3.65 -11.67
C THR B 113 -26.51 -4.02 -12.69
N GLY B 114 -26.09 -4.23 -13.93
CA GLY B 114 -27.05 -4.58 -14.97
C GLY B 114 -27.20 -3.47 -15.98
N GLU B 115 -26.64 -2.31 -15.67
CA GLU B 115 -26.69 -1.16 -16.57
C GLU B 115 -25.85 -1.42 -17.82
N SER B 116 -26.31 -0.91 -18.96
CA SER B 116 -25.59 -1.08 -20.21
C SER B 116 -24.34 -0.21 -20.18
N LEU B 117 -23.33 -0.58 -20.94
CA LEU B 117 -22.08 0.19 -20.99
C LEU B 117 -22.29 1.62 -21.45
N VAL B 118 -21.55 2.56 -20.84
CA VAL B 118 -21.64 3.97 -21.21
C VAL B 118 -20.36 4.35 -21.96
N TYR B 119 -19.43 3.40 -22.02
CA TYR B 119 -18.15 3.57 -22.70
C TYR B 119 -17.61 2.20 -23.06
N SER B 120 -16.84 2.13 -24.14
CA SER B 120 -16.23 0.87 -24.55
C SER B 120 -15.03 1.20 -25.44
N ASN B 121 -14.01 0.36 -25.40
CA ASN B 121 -12.82 0.58 -26.22
C ASN B 121 -12.39 -0.73 -26.86
N TRP B 122 -13.36 -1.40 -27.49
CA TRP B 122 -13.14 -2.68 -28.14
C TRP B 122 -12.11 -2.64 -29.25
N ALA B 123 -11.26 -3.66 -29.28
CA ALA B 123 -10.25 -3.77 -30.32
C ALA B 123 -11.09 -4.06 -31.57
N PRO B 124 -10.56 -3.76 -32.77
CA PRO B 124 -11.33 -4.02 -33.99
C PRO B 124 -11.88 -5.44 -34.05
N GLY B 125 -13.15 -5.57 -34.37
CA GLY B 125 -13.78 -6.88 -34.46
C GLY B 125 -14.28 -7.50 -33.16
N GLU B 126 -14.02 -6.83 -32.03
CA GLU B 126 -14.47 -7.33 -30.73
C GLU B 126 -15.71 -6.57 -30.27
N PRO B 127 -16.55 -7.21 -29.44
CA PRO B 127 -16.40 -8.58 -28.91
C PRO B 127 -16.79 -9.58 -29.99
N ASN B 128 -16.17 -10.75 -29.99
CA ASN B 128 -16.47 -11.76 -31.01
C ASN B 128 -16.87 -13.12 -30.45
N ASP B 129 -17.07 -13.20 -29.12
CA ASP B 129 -17.46 -14.45 -28.47
C ASP B 129 -16.75 -15.63 -29.13
N ASP B 130 -15.43 -15.56 -29.17
CA ASP B 130 -14.60 -16.58 -29.80
C ASP B 130 -14.84 -17.98 -29.21
N GLY B 131 -14.97 -18.97 -30.10
CA GLY B 131 -15.21 -20.32 -29.66
C GLY B 131 -16.58 -20.46 -29.03
N GLY B 132 -17.36 -19.39 -29.14
CA GLY B 132 -18.70 -19.38 -28.58
C GLY B 132 -18.74 -19.31 -27.05
N SER B 133 -17.61 -18.95 -26.44
CA SER B 133 -17.57 -18.89 -24.99
C SER B 133 -16.69 -17.81 -24.37
N GLU B 134 -16.88 -16.56 -24.78
CA GLU B 134 -16.11 -15.45 -24.21
C GLU B 134 -17.13 -14.48 -23.64
N ASP B 135 -17.32 -14.51 -22.33
CA ASP B 135 -18.29 -13.63 -21.70
C ASP B 135 -17.68 -12.60 -20.75
N CYS B 136 -16.36 -12.61 -20.63
CA CYS B 136 -15.69 -11.63 -19.79
C CYS B 136 -14.88 -10.69 -20.69
N VAL B 137 -14.30 -9.65 -20.10
CA VAL B 137 -13.54 -8.69 -20.88
C VAL B 137 -12.17 -8.42 -20.28
N GLU B 138 -11.14 -8.43 -21.14
CA GLU B 138 -9.79 -8.14 -20.69
C GLU B 138 -9.30 -6.87 -21.39
N ILE B 139 -8.44 -6.10 -20.73
CA ILE B 139 -7.90 -4.89 -21.33
C ILE B 139 -6.40 -5.14 -21.57
N PHE B 140 -5.96 -5.02 -22.83
CA PHE B 140 -4.57 -5.24 -23.21
C PHE B 140 -3.68 -4.09 -22.78
N THR B 141 -2.36 -4.29 -22.89
CA THR B 141 -1.42 -3.24 -22.53
C THR B 141 -1.59 -2.03 -23.45
N ASN B 142 -2.18 -2.24 -24.62
CA ASN B 142 -2.41 -1.14 -25.54
C ASN B 142 -3.72 -0.40 -25.18
N GLY B 143 -4.40 -0.87 -24.15
CA GLY B 143 -5.62 -0.22 -23.70
C GLY B 143 -6.92 -0.66 -24.35
N LYS B 144 -6.83 -1.50 -25.38
CA LYS B 144 -8.02 -1.97 -26.07
C LYS B 144 -8.67 -3.13 -25.33
N TRP B 145 -9.97 -3.31 -25.56
CA TRP B 145 -10.73 -4.37 -24.92
C TRP B 145 -10.94 -5.55 -25.85
N ASN B 146 -11.10 -6.72 -25.25
CA ASN B 146 -11.33 -7.95 -25.99
C ASN B 146 -12.12 -8.86 -25.07
N ASP B 147 -13.24 -9.41 -25.55
CA ASP B 147 -13.98 -10.31 -24.69
C ASP B 147 -13.12 -11.57 -24.62
N ARG B 148 -13.06 -12.18 -23.45
CA ARG B 148 -12.22 -13.35 -23.26
C ARG B 148 -12.90 -14.32 -22.29
N ALA B 149 -12.50 -15.58 -22.34
CA ALA B 149 -13.08 -16.59 -21.47
C ALA B 149 -12.86 -16.18 -20.02
N CYS B 150 -13.92 -16.27 -19.22
CA CYS B 150 -13.88 -15.89 -17.82
C CYS B 150 -12.97 -16.79 -16.98
N GLY B 151 -12.71 -17.98 -17.47
CA GLY B 151 -11.88 -18.92 -16.75
C GLY B 151 -10.40 -18.61 -16.80
N GLU B 152 -10.01 -17.70 -17.69
CA GLU B 152 -8.61 -17.31 -17.83
C GLU B 152 -8.17 -16.49 -16.61
N LYS B 153 -6.87 -16.46 -16.36
CA LYS B 153 -6.32 -15.71 -15.24
C LYS B 153 -5.77 -14.38 -15.77
N ARG B 154 -6.25 -13.29 -15.18
CA ARG B 154 -5.80 -11.97 -15.59
C ARG B 154 -5.51 -11.10 -14.37
N LEU B 155 -4.72 -10.05 -14.56
CA LEU B 155 -4.37 -9.14 -13.49
C LEU B 155 -5.61 -8.61 -12.79
N VAL B 156 -5.59 -8.61 -11.45
CA VAL B 156 -6.73 -8.11 -10.69
C VAL B 156 -6.57 -6.63 -10.41
N VAL B 157 -7.52 -5.84 -10.87
CA VAL B 157 -7.50 -4.41 -10.63
C VAL B 157 -8.90 -4.01 -10.19
N CYS B 158 -9.00 -3.42 -9.00
CA CYS B 158 -10.29 -3.00 -8.46
C CYS B 158 -10.39 -1.49 -8.54
N GLU B 159 -11.62 -0.98 -8.49
CA GLU B 159 -11.82 0.45 -8.46
C GLU B 159 -12.52 0.79 -7.16
N PHE B 160 -12.18 1.94 -6.61
CA PHE B 160 -12.75 2.41 -5.35
C PHE B 160 -13.18 3.87 -5.50
N ALA C 10 -29.98 30.20 17.49
CA ALA C 10 -29.60 31.30 18.42
C ALA C 10 -28.32 30.94 19.17
N SER C 11 -27.17 31.09 18.49
CA SER C 11 -25.88 30.78 19.08
C SER C 11 -25.86 29.32 19.55
N LEU C 12 -26.70 28.51 18.92
CA LEU C 12 -26.81 27.09 19.25
C LEU C 12 -25.47 26.38 19.32
N ARG C 13 -24.54 26.77 18.45
CA ARG C 13 -23.19 26.18 18.38
C ARG C 13 -23.19 24.65 18.41
N GLN C 14 -24.38 24.06 18.26
CA GLN C 14 -24.50 22.60 18.26
C GLN C 14 -23.64 22.05 17.11
N GLN C 15 -23.34 22.92 16.16
CA GLN C 15 -22.53 22.57 15.01
C GLN C 15 -21.06 22.41 15.37
N VAL C 16 -20.54 23.32 16.18
CA VAL C 16 -19.15 23.28 16.60
C VAL C 16 -18.89 21.97 17.34
N GLU C 17 -19.89 21.53 18.10
CA GLU C 17 -19.78 20.29 18.86
C GLU C 17 -19.51 19.10 17.95
N ALA C 18 -20.38 18.91 16.97
CA ALA C 18 -20.24 17.79 16.03
C ALA C 18 -18.89 17.85 15.31
N LEU C 19 -18.47 19.06 14.92
CA LEU C 19 -17.21 19.25 14.21
C LEU C 19 -16.02 18.81 15.05
N GLN C 20 -16.05 19.14 16.33
CA GLN C 20 -14.98 18.78 17.26
C GLN C 20 -14.81 17.26 17.32
N GLY C 21 -15.93 16.56 17.44
CA GLY C 21 -15.89 15.11 17.51
C GLY C 21 -15.35 14.52 16.22
N GLN C 22 -15.82 15.04 15.08
CA GLN C 22 -15.38 14.55 13.79
C GLN C 22 -13.87 14.68 13.63
N VAL C 23 -13.34 15.87 13.89
CA VAL C 23 -11.91 16.12 13.76
C VAL C 23 -11.10 15.23 14.69
N GLN C 24 -11.57 15.06 15.92
CA GLN C 24 -10.84 14.23 16.88
C GLN C 24 -10.75 12.80 16.33
N HIS C 25 -11.87 12.24 15.87
CA HIS C 25 -11.85 10.89 15.31
C HIS C 25 -10.92 10.80 14.11
N LEU C 26 -10.98 11.81 13.25
CA LEU C 26 -10.15 11.85 12.05
C LEU C 26 -8.67 11.82 12.41
N GLN C 27 -8.27 12.58 13.42
CA GLN C 27 -6.87 12.60 13.82
C GLN C 27 -6.43 11.20 14.24
N ALA C 28 -7.28 10.53 15.02
CA ALA C 28 -6.96 9.17 15.47
C ALA C 28 -6.92 8.20 14.28
N ALA C 29 -7.96 8.24 13.46
CA ALA C 29 -8.02 7.36 12.30
C ALA C 29 -6.86 7.61 11.32
N PHE C 30 -6.54 8.89 11.08
CA PHE C 30 -5.46 9.23 10.16
C PHE C 30 -4.11 8.73 10.69
N SER C 31 -3.85 8.94 11.97
CA SER C 31 -2.60 8.50 12.58
C SER C 31 -2.44 6.99 12.44
N GLN C 32 -3.53 6.26 12.63
CA GLN C 32 -3.47 4.81 12.49
C GLN C 32 -3.17 4.45 11.04
N TYR C 33 -3.86 5.13 10.12
CA TYR C 33 -3.70 4.89 8.70
C TYR C 33 -2.27 5.13 8.22
N LYS C 34 -1.61 6.17 8.73
CA LYS C 34 -0.24 6.48 8.32
C LYS C 34 0.69 5.32 8.65
N LYS C 35 0.51 4.73 9.83
CA LYS C 35 1.35 3.59 10.21
C LYS C 35 1.14 2.44 9.22
N VAL C 36 -0.13 2.17 8.93
CA VAL C 36 -0.49 1.09 8.01
C VAL C 36 0.13 1.28 6.63
N GLU C 37 0.08 2.52 6.14
CA GLU C 37 0.63 2.82 4.82
C GLU C 37 2.13 2.62 4.71
N LEU C 38 2.88 3.13 5.68
CA LEU C 38 4.33 3.03 5.67
C LEU C 38 4.86 1.61 5.87
N PHE C 39 4.02 0.73 6.42
CA PHE C 39 4.44 -0.65 6.62
C PHE C 39 4.14 -1.48 5.36
N PRO C 40 5.16 -2.14 4.79
CA PRO C 40 6.55 -2.20 5.20
C PRO C 40 7.51 -1.46 4.27
N ASN C 41 6.99 -0.80 3.24
CA ASN C 41 7.86 -0.14 2.27
C ASN C 41 8.10 1.36 2.35
N GLY C 42 7.67 1.99 3.43
CA GLY C 42 7.88 3.43 3.55
C GLY C 42 8.71 3.84 4.77
N GLN C 43 9.25 5.05 4.70
CA GLN C 43 10.06 5.61 5.77
C GLN C 43 9.82 7.12 5.82
N SER C 44 9.47 7.61 7.00
CA SER C 44 9.20 9.02 7.21
C SER C 44 10.37 9.66 7.96
N VAL C 45 10.88 10.77 7.43
CA VAL C 45 11.99 11.48 8.05
C VAL C 45 11.76 12.98 7.80
N GLY C 46 11.60 13.75 8.87
CA GLY C 46 11.35 15.16 8.69
C GLY C 46 10.02 15.31 7.97
N GLU C 47 9.99 16.14 6.93
CA GLU C 47 8.77 16.36 6.15
C GLU C 47 8.77 15.49 4.90
N LYS C 48 9.78 14.65 4.77
CA LYS C 48 9.92 13.79 3.60
C LYS C 48 9.53 12.33 3.84
N ILE C 49 9.03 11.68 2.80
CA ILE C 49 8.66 10.27 2.88
C ILE C 49 9.23 9.48 1.72
N PHE C 50 10.00 8.44 2.05
CA PHE C 50 10.60 7.56 1.06
C PHE C 50 9.69 6.33 0.97
N LYS C 51 9.48 5.82 -0.24
CA LYS C 51 8.70 4.62 -0.42
C LYS C 51 9.27 3.84 -1.60
N THR C 52 9.52 2.55 -1.39
CA THR C 52 10.07 1.71 -2.44
C THR C 52 8.96 0.92 -3.12
N ALA C 53 9.13 0.67 -4.41
CA ALA C 53 8.15 -0.09 -5.18
C ALA C 53 8.35 -1.58 -4.89
N GLY C 54 9.53 -1.94 -4.39
CA GLY C 54 9.79 -3.33 -4.09
C GLY C 54 10.39 -4.11 -5.24
N PHE C 55 10.62 -3.45 -6.37
CA PHE C 55 11.21 -4.11 -7.54
C PHE C 55 12.29 -3.21 -8.17
N VAL C 56 13.09 -3.78 -9.06
CA VAL C 56 14.17 -3.02 -9.71
C VAL C 56 13.86 -2.59 -11.13
N LYS C 57 14.48 -1.49 -11.54
CA LYS C 57 14.29 -0.91 -12.86
C LYS C 57 15.49 -0.06 -13.26
N PRO C 58 15.68 0.18 -14.56
CA PRO C 58 16.82 1.00 -15.01
C PRO C 58 16.49 2.42 -14.57
N PHE C 59 17.49 3.30 -14.53
CA PHE C 59 17.29 4.67 -14.08
C PHE C 59 16.16 5.44 -14.76
N THR C 60 16.18 5.51 -16.09
CA THR C 60 15.14 6.25 -16.80
C THR C 60 13.74 5.76 -16.44
N GLU C 61 13.58 4.44 -16.36
CA GLU C 61 12.28 3.86 -16.01
C GLU C 61 11.90 4.17 -14.56
N ALA C 62 12.85 4.06 -13.65
CA ALA C 62 12.61 4.34 -12.25
C ALA C 62 12.28 5.82 -12.07
N GLN C 63 13.01 6.67 -12.78
CA GLN C 63 12.83 8.12 -12.71
C GLN C 63 11.42 8.52 -13.19
N LEU C 64 10.94 7.83 -14.21
CA LEU C 64 9.62 8.10 -14.78
C LEU C 64 8.53 7.69 -13.79
N LEU C 65 8.70 6.51 -13.21
CA LEU C 65 7.75 6.01 -12.24
C LEU C 65 7.52 7.01 -11.11
N CYS C 66 8.61 7.57 -10.57
CA CYS C 66 8.50 8.54 -9.49
C CYS C 66 7.81 9.84 -9.92
N THR C 67 8.29 10.45 -11.00
CA THR C 67 7.71 11.69 -11.49
C THR C 67 6.23 11.55 -11.83
N GLN C 68 5.87 10.42 -12.43
CA GLN C 68 4.47 10.17 -12.79
C GLN C 68 3.60 10.00 -11.55
N ALA C 69 4.22 9.58 -10.44
CA ALA C 69 3.51 9.38 -9.19
C ALA C 69 3.42 10.66 -8.37
N GLY C 70 4.01 11.75 -8.89
CA GLY C 70 3.95 13.01 -8.18
C GLY C 70 5.13 13.26 -7.25
N GLY C 71 6.18 12.47 -7.39
CA GLY C 71 7.36 12.64 -6.56
C GLY C 71 8.60 12.63 -7.42
N GLN C 72 9.70 12.12 -6.88
CA GLN C 72 10.93 12.02 -7.63
C GLN C 72 11.78 10.94 -7.00
N LEU C 73 12.86 10.53 -7.67
CA LEU C 73 13.72 9.48 -7.12
C LEU C 73 14.30 9.95 -5.79
N ALA C 74 14.57 8.99 -4.90
CA ALA C 74 15.12 9.29 -3.59
C ALA C 74 16.29 10.27 -3.71
N SER C 75 16.23 11.35 -2.94
CA SER C 75 17.26 12.38 -2.96
C SER C 75 17.68 12.79 -1.54
N PRO C 76 18.42 11.92 -0.82
CA PRO C 76 18.85 12.25 0.54
C PRO C 76 19.70 13.51 0.58
N ARG C 77 19.30 14.45 1.43
CA ARG C 77 20.01 15.73 1.54
C ARG C 77 20.60 15.96 2.91
N SER C 78 20.63 14.90 3.73
CA SER C 78 21.17 14.99 5.08
C SER C 78 21.49 13.58 5.55
N ALA C 79 22.31 13.48 6.58
CA ALA C 79 22.67 12.18 7.14
C ALA C 79 21.42 11.45 7.63
N ALA C 80 20.48 12.20 8.21
CA ALA C 80 19.24 11.64 8.72
C ALA C 80 18.42 11.02 7.60
N GLU C 81 18.28 11.74 6.48
CA GLU C 81 17.52 11.22 5.36
C GLU C 81 18.22 10.01 4.76
N ASN C 82 19.54 10.05 4.71
CA ASN C 82 20.28 8.94 4.13
C ASN C 82 20.06 7.68 4.97
N ALA C 83 20.06 7.87 6.30
CA ALA C 83 19.86 6.77 7.22
C ALA C 83 18.48 6.14 7.01
N ALA C 84 17.47 6.99 6.88
CA ALA C 84 16.10 6.53 6.66
C ALA C 84 16.02 5.73 5.37
N LEU C 85 16.57 6.28 4.29
CA LEU C 85 16.57 5.61 3.00
C LEU C 85 17.31 4.27 3.12
N GLN C 86 18.39 4.27 3.88
CA GLN C 86 19.20 3.07 4.06
C GLN C 86 18.37 1.94 4.69
N GLN C 87 17.46 2.29 5.60
CA GLN C 87 16.64 1.26 6.23
C GLN C 87 15.89 0.46 5.17
N LEU C 88 15.34 1.15 4.19
CA LEU C 88 14.60 0.49 3.11
C LEU C 88 15.48 -0.41 2.26
N VAL C 89 16.66 0.10 1.91
CA VAL C 89 17.60 -0.64 1.09
C VAL C 89 18.04 -1.91 1.80
N VAL C 90 18.26 -1.80 3.11
CA VAL C 90 18.68 -2.95 3.91
C VAL C 90 17.53 -3.95 4.01
N ALA C 91 16.30 -3.44 4.10
CA ALA C 91 15.12 -4.28 4.20
C ALA C 91 14.93 -5.13 2.95
N LYS C 92 15.05 -4.51 1.79
CA LYS C 92 14.88 -5.22 0.52
C LYS C 92 16.17 -5.91 0.10
N ASN C 93 17.27 -5.54 0.73
CA ASN C 93 18.57 -6.11 0.40
C ASN C 93 18.84 -5.91 -1.09
N GLU C 94 18.60 -4.68 -1.56
CA GLU C 94 18.81 -4.32 -2.95
C GLU C 94 19.27 -2.87 -3.04
N ALA C 95 20.42 -2.63 -3.65
CA ALA C 95 20.92 -1.27 -3.80
C ALA C 95 19.86 -0.50 -4.60
N ALA C 96 19.71 0.78 -4.30
CA ALA C 96 18.72 1.61 -4.97
C ALA C 96 19.29 2.84 -5.67
N PHE C 97 18.63 3.24 -6.75
CA PHE C 97 19.03 4.43 -7.49
C PHE C 97 18.64 5.69 -6.75
N LEU C 98 19.50 6.70 -6.83
CA LEU C 98 19.20 8.00 -6.25
C LEU C 98 18.82 8.85 -7.46
N SER C 99 18.38 10.08 -7.23
CA SER C 99 17.96 10.95 -8.32
C SER C 99 19.09 11.67 -9.06
N MET C 100 20.21 11.88 -8.38
CA MET C 100 21.33 12.63 -8.93
C MET C 100 22.18 11.96 -10.02
N THR C 101 22.60 12.75 -10.99
CA THR C 101 23.42 12.25 -12.10
C THR C 101 24.41 13.33 -12.57
N ASP C 102 25.44 12.93 -13.30
CA ASP C 102 26.40 13.88 -13.83
C ASP C 102 26.40 13.70 -15.35
N SER C 103 25.22 13.45 -15.89
CA SER C 103 25.02 13.24 -17.33
C SER C 103 25.25 14.51 -18.14
N LYS C 104 24.97 15.65 -17.55
CA LYS C 104 25.15 16.93 -18.25
C LYS C 104 26.64 17.28 -18.31
N THR C 105 27.27 17.29 -17.15
CA THR C 105 28.69 17.60 -17.05
C THR C 105 29.41 16.54 -16.23
N GLU C 106 30.19 15.71 -16.92
CA GLU C 106 30.94 14.63 -16.28
C GLU C 106 31.77 15.11 -15.09
N GLY C 107 31.64 14.42 -13.97
CA GLY C 107 32.38 14.78 -12.77
C GLY C 107 31.67 15.79 -11.90
N LYS C 108 30.45 16.16 -12.29
CA LYS C 108 29.66 17.13 -11.54
C LYS C 108 28.24 16.60 -11.39
N PHE C 109 27.93 16.06 -10.21
CA PHE C 109 26.59 15.52 -9.98
C PHE C 109 25.63 16.61 -9.53
N THR C 110 24.39 16.51 -10.02
CA THR C 110 23.37 17.49 -9.71
C THR C 110 22.01 16.84 -9.45
N TYR C 111 21.15 17.56 -8.74
CA TYR C 111 19.81 17.07 -8.47
C TYR C 111 19.04 17.24 -9.77
N PRO C 112 17.82 16.69 -9.86
CA PRO C 112 17.03 16.82 -11.09
C PRO C 112 16.79 18.26 -11.52
N THR C 113 16.94 19.20 -10.59
CA THR C 113 16.72 20.61 -10.89
C THR C 113 17.98 21.31 -11.41
N GLY C 114 19.13 20.66 -11.26
CA GLY C 114 20.37 21.24 -11.75
C GLY C 114 21.27 21.76 -10.64
N GLU C 115 20.72 21.81 -9.43
CA GLU C 115 21.45 22.29 -8.25
C GLU C 115 22.58 21.33 -7.86
N SER C 116 23.62 21.88 -7.21
CA SER C 116 24.76 21.09 -6.76
C SER C 116 24.43 20.36 -5.46
N LEU C 117 25.05 19.20 -5.27
CA LEU C 117 24.81 18.40 -4.06
C LEU C 117 25.11 19.16 -2.76
N VAL C 118 24.14 19.16 -1.84
CA VAL C 118 24.29 19.83 -0.55
C VAL C 118 24.64 18.80 0.51
N TYR C 119 24.77 17.54 0.09
CA TYR C 119 25.11 16.44 0.97
C TYR C 119 25.51 15.24 0.11
N SER C 120 26.43 14.41 0.62
CA SER C 120 26.85 13.23 -0.11
C SER C 120 27.42 12.21 0.87
N ASN C 121 27.39 10.95 0.47
CA ASN C 121 27.93 9.88 1.31
C ASN C 121 28.64 8.87 0.42
N TRP C 122 29.52 9.38 -0.43
CA TRP C 122 30.26 8.53 -1.35
C TRP C 122 31.14 7.50 -0.64
N ALA C 123 31.20 6.30 -1.20
CA ALA C 123 32.06 5.25 -0.66
C ALA C 123 33.46 5.67 -1.07
N PRO C 124 34.49 5.20 -0.34
CA PRO C 124 35.87 5.57 -0.69
C PRO C 124 36.20 5.34 -2.17
N GLY C 125 36.73 6.37 -2.82
CA GLY C 125 37.10 6.24 -4.22
C GLY C 125 36.01 6.59 -5.22
N GLU C 126 34.79 6.82 -4.74
CA GLU C 126 33.67 7.16 -5.61
C GLU C 126 33.37 8.66 -5.55
N PRO C 127 32.81 9.23 -6.62
CA PRO C 127 32.44 8.57 -7.88
C PRO C 127 33.69 8.39 -8.74
N ASN C 128 33.78 7.28 -9.47
CA ASN C 128 34.95 7.03 -10.31
C ASN C 128 34.67 6.82 -11.79
N ASP C 129 33.44 7.12 -12.21
CA ASP C 129 33.02 6.95 -13.61
C ASP C 129 33.68 5.74 -14.24
N ASP C 130 33.55 4.60 -13.57
CA ASP C 130 34.16 3.36 -14.04
C ASP C 130 33.82 3.03 -15.50
N GLY C 131 34.84 2.61 -16.25
CA GLY C 131 34.63 2.29 -17.64
C GLY C 131 34.26 3.54 -18.42
N GLY C 132 34.43 4.69 -17.77
CA GLY C 132 34.10 5.96 -18.40
C GLY C 132 32.61 6.05 -18.72
N SER C 133 31.78 5.34 -17.96
CA SER C 133 30.34 5.37 -18.23
C SER C 133 29.40 5.13 -17.04
N GLU C 134 29.64 5.86 -15.95
CA GLU C 134 28.77 5.74 -14.78
C GLU C 134 28.32 7.14 -14.46
N ASP C 135 27.06 7.44 -14.78
CA ASP C 135 26.51 8.77 -14.53
C ASP C 135 25.34 8.80 -13.56
N CYS C 136 24.96 7.63 -13.06
CA CYS C 136 23.87 7.54 -12.09
C CYS C 136 24.47 7.15 -10.75
N VAL C 137 23.66 7.19 -9.69
CA VAL C 137 24.15 6.86 -8.37
C VAL C 137 23.29 5.85 -7.64
N GLU C 138 23.95 4.87 -7.01
CA GLU C 138 23.26 3.85 -6.25
C GLU C 138 23.70 3.95 -4.79
N ILE C 139 22.82 3.53 -3.88
CA ILE C 139 23.15 3.53 -2.46
C ILE C 139 23.17 2.06 -2.04
N PHE C 140 24.29 1.62 -1.47
CA PHE C 140 24.44 0.23 -1.03
C PHE C 140 23.69 0.00 0.26
N THR C 141 23.64 -1.25 0.70
CA THR C 141 22.97 -1.58 1.95
C THR C 141 23.71 -0.97 3.13
N ASN C 142 24.98 -0.61 2.93
CA ASN C 142 25.74 0.00 4.02
C ASN C 142 25.50 1.50 4.04
N GLY C 143 24.71 1.99 3.09
CA GLY C 143 24.38 3.41 3.06
C GLY C 143 25.29 4.29 2.24
N LYS C 144 26.43 3.74 1.82
CA LYS C 144 27.39 4.49 1.03
C LYS C 144 26.95 4.58 -0.44
N TRP C 145 27.38 5.63 -1.11
CA TRP C 145 27.02 5.86 -2.51
C TRP C 145 28.12 5.45 -3.49
N ASN C 146 27.71 5.01 -4.68
CA ASN C 146 28.63 4.62 -5.73
C ASN C 146 28.02 5.01 -7.07
N ASP C 147 28.77 5.68 -7.94
CA ASP C 147 28.19 6.00 -9.23
C ASP C 147 28.14 4.69 -9.99
N ARG C 148 27.07 4.49 -10.76
CA ARG C 148 26.87 3.24 -11.50
C ARG C 148 26.22 3.54 -12.84
N ALA C 149 26.38 2.64 -13.79
CA ALA C 149 25.78 2.83 -15.12
C ALA C 149 24.26 2.94 -14.95
N CYS C 150 23.69 3.96 -15.59
CA CYS C 150 22.25 4.19 -15.51
C CYS C 150 21.42 3.04 -16.09
N GLY C 151 22.02 2.27 -16.99
CA GLY C 151 21.32 1.16 -17.60
C GLY C 151 21.15 -0.05 -16.70
N GLU C 152 21.83 -0.06 -15.56
CA GLU C 152 21.71 -1.17 -14.64
C GLU C 152 20.36 -1.06 -13.93
N LYS C 153 19.86 -2.18 -13.42
CA LYS C 153 18.57 -2.21 -12.73
C LYS C 153 18.77 -2.20 -11.22
N ARG C 154 18.21 -1.19 -10.55
CA ARG C 154 18.34 -1.07 -9.11
C ARG C 154 16.98 -0.83 -8.45
N LEU C 155 16.92 -0.96 -7.13
CA LEU C 155 15.68 -0.77 -6.38
C LEU C 155 15.09 0.61 -6.60
N VAL C 156 13.79 0.66 -6.92
CA VAL C 156 13.12 1.93 -7.15
C VAL C 156 12.59 2.47 -5.84
N VAL C 157 13.09 3.63 -5.44
CA VAL C 157 12.65 4.29 -4.21
C VAL C 157 12.37 5.73 -4.57
N CYS C 158 11.14 6.16 -4.33
CA CYS C 158 10.74 7.54 -4.64
C CYS C 158 10.59 8.33 -3.34
N GLU C 159 10.60 9.66 -3.45
CA GLU C 159 10.40 10.50 -2.28
C GLU C 159 9.22 11.41 -2.55
N PHE C 160 8.44 11.65 -1.49
CA PHE C 160 7.24 12.47 -1.57
C PHE C 160 7.25 13.47 -0.40
#